data_2EI8
#
_entry.id   2EI8
#
_cell.length_a   56.217
_cell.length_b   72.190
_cell.length_c   79.325
_cell.angle_alpha   90.00
_cell.angle_beta   90.00
_cell.angle_gamma   90.00
#
_symmetry.space_group_name_H-M   'P 21 21 21'
#
loop_
_entity.id
_entity.type
_entity.pdbx_description
1 polymer 'Coagulation factor X, heavy chain'
2 polymer 'Coagulation factor X, light chain'
3 non-polymer 'CALCIUM ION'
4 non-polymer N-((1R,2S,5S)-2-(5-CHLORO-1H-INDOLE-2-CARBOXAMIDO)-5-(DIMETHYLCARBAMOYL)CYCLOHEXYL)-5-METHYL-4,5,6,7-TETRAHYDROTHIAZOLO[5,4-C]PYRIDINE-2-CARBOXAMIDE
5 water water
#
loop_
_entity_poly.entity_id
_entity_poly.type
_entity_poly.pdbx_seq_one_letter_code
_entity_poly.pdbx_strand_id
1 'polypeptide(L)'
;IVGGQECKDGECPWQALLINEENEGFCGGTILSEFYILTAAHCLYQAKRFKVRVGDRNTEQEEGGEAVHEVEVVIKHNRF
TKETYDFDIAVLRLKTPITFRMNVAPACLPERDWAESTLMTQKTGIVSGFGRTHEKGRQSTRLKMLEVPYVDRNSCKLSS
SFIITQNMFCAGYDTKQEDACQGDSGGPHVTRFKDTYFVTGIVSWGEGCARKGKYGIYTKVTAFLKWIDRSMK
;
A
2 'polypeptide(L)' TRKLCSLDNGDCDQFCHEEQNSVVCSCARGYTLADNGKACIPTGPYPCGKQTLE B
#
loop_
_chem_comp.id
_chem_comp.type
_chem_comp.name
_chem_comp.formula
CA non-polymer 'CALCIUM ION' 'Ca 2'
DT8 non-polymer N-((1R,2S,5S)-2-(5-CHLORO-1H-INDOLE-2-CARBOXAMIDO)-5-(DIMETHYLCARBAMOYL)CYCLOHEXYL)-5-METHYL-4,5,6,7-TETRAHYDROTHIAZOLO[5,4-C]PYRIDINE-2-CARBOXAMIDE 'C26 H31 Cl N6 O3 S'
#
# COMPACT_ATOMS: atom_id res chain seq x y z
N ILE A 1 -2.20 -1.91 -13.62
CA ILE A 1 -2.43 -0.41 -13.69
C ILE A 1 -2.81 0.06 -15.12
N VAL A 2 -3.92 0.78 -15.22
CA VAL A 2 -4.43 1.37 -16.47
C VAL A 2 -4.02 2.81 -16.43
N GLY A 3 -3.21 3.26 -17.40
CA GLY A 3 -2.67 4.60 -17.34
C GLY A 3 -1.43 4.67 -16.44
N GLY A 4 -1.24 5.85 -15.85
CA GLY A 4 -0.11 6.12 -14.94
C GLY A 4 1.19 6.02 -15.67
N GLN A 5 2.25 5.76 -14.94
CA GLN A 5 3.60 5.77 -15.47
C GLN A 5 4.37 4.55 -14.92
N GLU A 6 5.51 4.21 -15.54
CA GLU A 6 6.38 3.16 -14.95
C GLU A 6 6.93 3.67 -13.64
N CYS A 7 7.16 2.75 -12.70
CA CYS A 7 8.00 3.06 -11.57
C CYS A 7 9.41 3.13 -12.12
N LYS A 8 10.06 4.25 -11.91
CA LYS A 8 11.46 4.45 -12.25
C LYS A 8 12.34 3.96 -11.12
N ASP A 9 13.64 3.93 -11.36
CA ASP A 9 14.51 3.26 -10.48
C ASP A 9 14.35 3.76 -9.04
N GLY A 10 14.13 2.87 -8.09
CA GLY A 10 14.04 3.35 -6.68
C GLY A 10 12.69 3.93 -6.25
N GLU A 11 11.73 4.08 -7.16
CA GLU A 11 10.48 4.82 -6.86
C GLU A 11 9.41 4.03 -6.09
N CYS A 12 9.38 2.70 -6.20
CA CYS A 12 8.28 1.91 -5.63
C CYS A 12 8.87 0.72 -4.96
N PRO A 13 9.84 0.93 -4.06
CA PRO A 13 10.66 -0.13 -3.48
C PRO A 13 9.94 -1.07 -2.54
N TRP A 14 8.75 -0.65 -2.05
CA TRP A 14 7.91 -1.45 -1.13
C TRP A 14 7.01 -2.43 -1.92
N GLN A 15 7.02 -2.34 -3.26
CA GLN A 15 6.24 -3.30 -4.08
C GLN A 15 6.78 -4.73 -3.92
N ALA A 16 5.90 -5.69 -3.61
CA ALA A 16 6.17 -7.14 -3.71
C ALA A 16 5.29 -7.69 -4.79
N LEU A 17 5.71 -8.82 -5.33
CA LEU A 17 4.90 -9.57 -6.34
C LEU A 17 4.72 -11.03 -5.93
N LEU A 18 3.47 -11.49 -5.80
CA LEU A 18 3.22 -12.90 -5.44
C LEU A 18 3.27 -13.69 -6.76
N ILE A 19 4.03 -14.78 -6.80
CA ILE A 19 4.26 -15.51 -8.02
C ILE A 19 3.86 -16.96 -7.79
N ASN A 20 3.23 -17.52 -8.80
CA ASN A 20 2.80 -18.88 -8.69
C ASN A 20 3.94 -19.82 -9.13
N GLU A 21 3.56 -21.08 -9.34
CA GLU A 21 4.48 -22.18 -9.60
C GLU A 21 5.13 -22.10 -10.96
N GLU A 22 4.49 -21.33 -11.84
CA GLU A 22 5.02 -21.01 -13.18
C GLU A 22 5.87 -19.75 -13.23
N ASN A 23 6.33 -19.29 -12.05
CA ASN A 23 6.97 -17.98 -11.86
C ASN A 23 6.25 -16.73 -12.46
N GLU A 24 4.92 -16.76 -12.49
CA GLU A 24 4.15 -15.73 -13.09
C GLU A 24 3.46 -14.98 -11.96
N GLY A 25 3.48 -13.64 -12.04
CA GLY A 25 2.81 -12.83 -10.97
C GLY A 25 1.30 -12.89 -11.08
N PHE A 26 0.62 -13.18 -9.97
CA PHE A 26 -0.86 -13.13 -9.95
C PHE A 26 -1.38 -12.09 -8.97
N CYS A 27 -0.53 -11.50 -8.12
CA CYS A 27 -1.06 -10.53 -7.11
C CYS A 27 0.11 -9.67 -6.60
N GLY A 28 -0.21 -8.58 -5.89
CA GLY A 28 0.84 -7.66 -5.38
C GLY A 28 0.90 -7.82 -3.89
N GLY A 29 1.85 -7.14 -3.27
CA GLY A 29 1.94 -7.07 -1.83
C GLY A 29 2.69 -5.77 -1.50
N THR A 30 2.69 -5.39 -0.23
CA THR A 30 3.53 -4.27 0.25
C THR A 30 4.56 -4.77 1.30
N ILE A 31 5.83 -4.41 1.12
CA ILE A 31 6.83 -4.74 2.08
C ILE A 31 6.59 -3.94 3.34
N LEU A 32 6.43 -4.61 4.50
CA LEU A 32 6.21 -3.89 5.78
C LEU A 32 7.47 -3.88 6.61
N SER A 33 8.28 -4.92 6.46
CA SER A 33 9.54 -5.04 7.19
C SER A 33 10.35 -6.21 6.62
N GLU A 34 11.49 -6.48 7.21
CA GLU A 34 12.36 -7.47 6.60
C GLU A 34 11.64 -8.80 6.57
N PHE A 35 10.72 -9.03 7.50
CA PHE A 35 10.02 -10.34 7.48
C PHE A 35 8.60 -10.41 6.95
N TYR A 36 7.93 -9.27 6.70
CA TYR A 36 6.48 -9.32 6.53
C TYR A 36 6.00 -8.57 5.31
N ILE A 37 5.11 -9.23 4.58
CA ILE A 37 4.45 -8.67 3.38
C ILE A 37 2.96 -8.46 3.71
N LEU A 38 2.42 -7.24 3.42
CA LEU A 38 0.95 -7.02 3.45
C LEU A 38 0.35 -7.38 2.07
N THR A 39 -0.72 -8.17 2.06
CA THR A 39 -1.42 -8.40 0.80
C THR A 39 -2.96 -8.55 1.07
N ALA A 40 -3.71 -9.01 0.09
CA ALA A 40 -5.16 -9.11 0.26
C ALA A 40 -5.42 -10.60 0.56
N ALA A 41 -6.40 -10.85 1.41
CA ALA A 41 -6.87 -12.24 1.67
C ALA A 41 -7.32 -12.94 0.39
N HIS A 42 -8.10 -12.26 -0.45
CA HIS A 42 -8.59 -12.92 -1.64
C HIS A 42 -7.47 -13.44 -2.53
N CYS A 43 -6.27 -12.88 -2.37
CA CYS A 43 -5.18 -13.32 -3.20
C CYS A 43 -4.71 -14.71 -2.81
N LEU A 44 -5.02 -15.15 -1.60
CA LEU A 44 -4.48 -16.44 -1.13
C LEU A 44 -5.10 -17.59 -1.97
N TYR A 45 -6.37 -17.46 -2.35
CA TYR A 45 -7.04 -18.44 -3.19
C TYR A 45 -6.63 -18.47 -4.68
N GLN A 46 -5.66 -17.64 -5.08
CA GLN A 46 -5.41 -17.56 -6.50
C GLN A 46 -4.33 -18.53 -6.93
N ALA A 47 -3.75 -19.23 -5.95
CA ALA A 47 -2.68 -20.19 -6.21
C ALA A 47 -2.47 -21.12 -5.00
N LYS A 48 -2.27 -22.41 -5.27
CA LYS A 48 -2.02 -23.41 -4.19
C LYS A 48 -0.66 -23.21 -3.49
N ARG A 49 0.38 -22.99 -4.28
CA ARG A 49 1.68 -22.68 -3.69
C ARG A 49 2.11 -21.42 -4.41
N PHE A 50 2.74 -20.50 -3.65
CA PHE A 50 3.27 -19.24 -4.17
C PHE A 50 4.50 -18.68 -3.34
N LYS A 51 5.31 -17.84 -3.98
CA LYS A 51 6.43 -17.18 -3.34
C LYS A 51 6.27 -15.65 -3.50
N VAL A 52 7.24 -14.90 -2.97
CA VAL A 52 7.20 -13.44 -3.04
C VAL A 52 8.46 -12.98 -3.66
N ARG A 53 8.29 -12.27 -4.79
CA ARG A 53 9.37 -11.53 -5.43
C ARG A 53 9.36 -10.00 -5.08
N VAL A 54 10.54 -9.50 -4.80
CA VAL A 54 10.80 -8.12 -4.48
C VAL A 54 11.99 -7.65 -5.34
N GLY A 55 12.13 -6.34 -5.47
CA GLY A 55 13.21 -5.73 -6.23
C GLY A 55 12.96 -5.77 -7.71
N ASP A 56 11.81 -6.26 -8.18
CA ASP A 56 11.62 -6.41 -9.63
C ASP A 56 10.95 -5.16 -10.21
N ARG A 57 11.44 -4.69 -11.35
CA ARG A 57 10.69 -3.68 -12.08
C ARG A 57 10.31 -4.07 -13.53
N ASN A 58 11.00 -5.06 -14.07
CA ASN A 58 10.78 -5.47 -15.46
C ASN A 58 10.86 -6.96 -15.50
N THR A 59 9.73 -7.64 -15.67
CA THR A 59 9.71 -9.10 -15.51
C THR A 59 10.44 -9.81 -16.66
N GLU A 60 10.63 -9.14 -17.78
CA GLU A 60 11.31 -9.73 -18.92
C GLU A 60 12.86 -9.74 -18.81
N GLN A 61 13.42 -9.31 -17.70
CA GLN A 61 14.87 -9.15 -17.67
C GLN A 61 15.35 -9.36 -16.25
N GLU A 62 16.57 -9.88 -16.10
CA GLU A 62 17.16 -10.07 -14.78
C GLU A 62 18.13 -8.96 -14.45
N GLU A 63 17.66 -7.91 -13.79
CA GLU A 63 18.46 -6.71 -13.62
C GLU A 63 19.28 -6.71 -12.32
N GLY A 64 19.42 -7.90 -11.72
CA GLY A 64 20.28 -8.10 -10.57
C GLY A 64 19.70 -7.89 -9.20
N GLY A 65 18.79 -6.94 -9.05
CA GLY A 65 18.33 -6.64 -7.70
C GLY A 65 17.22 -7.54 -7.16
N GLU A 66 16.73 -8.48 -7.98
CA GLU A 66 15.53 -9.25 -7.66
C GLU A 66 15.80 -10.30 -6.60
N ALA A 67 14.79 -10.62 -5.79
CA ALA A 67 14.96 -11.79 -4.93
C ALA A 67 13.63 -12.38 -4.56
N VAL A 68 13.58 -13.71 -4.55
CA VAL A 68 12.40 -14.49 -4.23
C VAL A 68 12.56 -14.99 -2.81
N HIS A 69 11.45 -14.90 -2.09
CA HIS A 69 11.41 -15.32 -0.74
C HIS A 69 10.25 -16.27 -0.63
N GLU A 70 10.50 -17.39 0.01
CA GLU A 70 9.44 -18.28 0.42
C GLU A 70 8.60 -17.81 1.59
N VAL A 71 7.34 -18.21 1.56
CA VAL A 71 6.44 -17.79 2.60
C VAL A 71 6.54 -18.85 3.68
N GLU A 72 6.64 -18.42 4.94
CA GLU A 72 6.62 -19.35 6.06
C GLU A 72 5.26 -19.47 6.72
N VAL A 73 4.64 -18.33 6.99
CA VAL A 73 3.34 -18.33 7.58
C VAL A 73 2.42 -17.39 6.82
N VAL A 74 1.18 -17.82 6.62
CA VAL A 74 0.13 -16.98 6.04
C VAL A 74 -0.84 -16.65 7.17
N ILE A 75 -1.09 -15.36 7.40
CA ILE A 75 -1.94 -14.88 8.47
C ILE A 75 -3.10 -14.16 7.77
N LYS A 76 -4.23 -14.85 7.59
CA LYS A 76 -5.37 -14.34 6.84
C LYS A 76 -6.35 -13.79 7.84
N HIS A 77 -6.98 -12.64 7.56
CA HIS A 77 -7.96 -12.15 8.49
C HIS A 77 -9.09 -13.20 8.60
N ASN A 78 -9.40 -13.59 9.84
CA ASN A 78 -10.45 -14.63 10.10
C ASN A 78 -11.85 -14.22 9.65
N ARG A 79 -12.12 -12.92 9.51
CA ARG A 79 -13.42 -12.46 9.05
C ARG A 79 -13.49 -12.22 7.55
N PHE A 80 -12.44 -12.56 6.80
CA PHE A 80 -12.51 -12.39 5.36
C PHE A 80 -13.66 -13.17 4.77
N THR A 81 -14.40 -12.54 3.86
CA THR A 81 -15.50 -13.21 3.20
C THR A 81 -15.57 -12.95 1.69
N LYS A 82 -15.57 -14.04 0.93
CA LYS A 82 -15.48 -13.97 -0.52
C LYS A 82 -16.64 -13.25 -1.14
N GLU A 83 -17.73 -13.10 -0.41
CA GLU A 83 -18.94 -12.68 -1.06
C GLU A 83 -18.98 -11.18 -1.20
N THR A 84 -18.47 -10.49 -0.21
CA THR A 84 -18.44 -9.04 -0.25
C THR A 84 -16.98 -8.53 -0.37
N TYR A 85 -16.02 -9.43 -0.16
CA TYR A 85 -14.61 -9.09 0.01
C TYR A 85 -14.37 -8.19 1.20
N ASP A 86 -15.26 -8.20 2.19
CA ASP A 86 -15.01 -7.50 3.44
C ASP A 86 -13.81 -8.15 4.22
N PHE A 87 -13.08 -7.35 5.00
CA PHE A 87 -11.82 -7.79 5.66
C PHE A 87 -10.84 -8.41 4.68
N ASP A 88 -10.61 -7.76 3.55
CA ASP A 88 -9.75 -8.32 2.53
C ASP A 88 -8.27 -7.92 2.86
N ILE A 89 -7.67 -8.66 3.81
CA ILE A 89 -6.33 -8.36 4.31
C ILE A 89 -5.61 -9.63 4.81
N ALA A 90 -4.34 -9.79 4.44
CA ALA A 90 -3.50 -10.86 4.97
C ALA A 90 -2.08 -10.34 5.13
N VAL A 91 -1.37 -10.90 6.11
CA VAL A 91 0.04 -10.65 6.30
C VAL A 91 0.79 -11.98 6.08
N LEU A 92 1.92 -11.92 5.41
CA LEU A 92 2.76 -13.10 5.18
C LEU A 92 4.07 -12.92 5.94
N ARG A 93 4.44 -13.92 6.72
CA ARG A 93 5.82 -13.96 7.28
C ARG A 93 6.75 -14.75 6.38
N LEU A 94 7.89 -14.17 6.03
CA LEU A 94 8.79 -14.86 5.12
C LEU A 94 9.74 -15.80 5.91
N LYS A 95 10.20 -16.84 5.24
CA LYS A 95 11.20 -17.73 5.86
C LYS A 95 12.51 -17.00 6.04
N THR A 96 12.92 -16.16 5.10
CA THR A 96 14.23 -15.47 5.17
C THR A 96 13.99 -13.94 5.06
N PRO A 97 14.80 -13.15 5.79
CA PRO A 97 14.53 -11.71 5.82
C PRO A 97 14.85 -11.05 4.51
N ILE A 98 14.09 -10.03 4.18
CA ILE A 98 14.36 -9.30 2.96
C ILE A 98 15.62 -8.46 3.19
N THR A 99 16.51 -8.38 2.21
CA THR A 99 17.65 -7.48 2.35
C THR A 99 17.34 -6.17 1.67
N PHE A 100 17.22 -5.08 2.40
CA PHE A 100 16.87 -3.85 1.77
C PHE A 100 18.01 -3.34 0.89
N ARG A 101 17.68 -2.70 -0.22
CA ARG A 101 18.66 -2.31 -1.15
C ARG A 101 17.87 -1.46 -2.13
N MET A 102 18.53 -1.08 -3.23
CA MET A 102 17.90 -0.25 -4.22
C MET A 102 16.72 -1.02 -4.70
N ASN A 103 15.56 -0.36 -4.80
CA ASN A 103 14.30 -0.99 -5.21
C ASN A 103 13.69 -1.96 -4.23
N VAL A 104 14.26 -2.09 -3.03
CA VAL A 104 13.68 -3.02 -2.04
C VAL A 104 13.70 -2.34 -0.68
N ALA A 105 12.54 -1.94 -0.17
CA ALA A 105 12.53 -1.17 1.13
C ALA A 105 11.07 -1.04 1.60
N PRO A 106 10.85 -0.84 2.91
CA PRO A 106 9.49 -0.94 3.41
C PRO A 106 8.75 0.36 3.33
N ALA A 107 7.41 0.28 3.25
CA ALA A 107 6.57 1.46 3.36
C ALA A 107 6.32 1.58 4.88
N CYS A 108 6.05 2.79 5.37
CA CYS A 108 5.78 3.00 6.80
C CYS A 108 4.35 2.67 7.15
N LEU A 109 4.15 2.04 8.31
CA LEU A 109 2.76 1.95 8.88
C LEU A 109 2.45 3.24 9.67
N PRO A 110 1.32 3.89 9.36
CA PRO A 110 1.07 5.11 10.10
C PRO A 110 0.32 4.76 11.40
N GLU A 111 0.12 5.76 12.25
CA GLU A 111 -0.78 5.66 13.39
C GLU A 111 -2.22 5.95 12.89
N ARG A 112 -3.21 5.18 13.38
CA ARG A 112 -4.62 5.29 12.91
C ARG A 112 -5.18 6.71 12.81
N ASP A 113 -5.29 7.41 13.94
CA ASP A 113 -5.98 8.71 13.92
C ASP A 113 -5.31 9.70 13.03
N TRP A 114 -3.99 9.85 13.16
CA TRP A 114 -3.28 10.76 12.23
C TRP A 114 -3.49 10.39 10.77
N ALA A 115 -3.36 9.11 10.47
CA ALA A 115 -3.51 8.67 9.10
C ALA A 115 -4.90 9.08 8.58
N GLU A 116 -5.93 8.85 9.38
CA GLU A 116 -7.27 9.12 8.90
C GLU A 116 -7.54 10.57 8.75
N SER A 117 -6.99 11.33 9.67
CA SER A 117 -7.24 12.76 9.72
C SER A 117 -6.34 13.52 8.70
N THR A 118 -5.14 13.01 8.48
CA THR A 118 -4.13 13.72 7.70
C THR A 118 -3.72 13.04 6.39
N LEU A 119 -3.52 11.74 6.38
CA LEU A 119 -3.18 11.07 5.12
C LEU A 119 -4.41 10.89 4.25
N MET A 120 -5.49 10.37 4.81
CA MET A 120 -6.62 10.04 3.96
C MET A 120 -7.50 11.23 3.57
N THR A 121 -7.10 12.42 4.01
CA THR A 121 -7.73 13.68 3.64
C THR A 121 -6.86 14.41 2.63
N GLN A 122 -5.69 13.84 2.27
CA GLN A 122 -4.88 14.48 1.22
C GLN A 122 -5.67 14.28 -0.09
N LYS A 123 -5.28 15.01 -1.11
CA LYS A 123 -5.95 14.92 -2.37
C LYS A 123 -5.83 13.51 -3.03
N THR A 124 -4.61 12.94 -3.02
CA THR A 124 -4.35 11.65 -3.72
C THR A 124 -3.58 10.61 -2.92
N GLY A 125 -3.65 9.36 -3.36
CA GLY A 125 -2.70 8.34 -2.91
C GLY A 125 -2.05 7.75 -4.16
N ILE A 126 -1.23 6.72 -3.99
CA ILE A 126 -0.49 6.16 -5.11
C ILE A 126 -0.68 4.64 -5.06
N VAL A 127 -1.06 4.06 -6.18
CA VAL A 127 -1.27 2.61 -6.27
C VAL A 127 -0.29 2.14 -7.31
N SER A 128 0.20 0.92 -7.15
CA SER A 128 1.17 0.39 -8.07
C SER A 128 1.03 -1.10 -8.21
N GLY A 129 1.66 -1.63 -9.27
CA GLY A 129 1.56 -3.09 -9.54
C GLY A 129 1.90 -3.53 -10.98
N PHE A 130 1.93 -4.83 -11.16
CA PHE A 130 2.19 -5.42 -12.49
C PHE A 130 0.87 -5.88 -13.14
N GLY A 131 -0.28 -5.42 -12.66
CA GLY A 131 -1.54 -5.94 -13.15
C GLY A 131 -1.85 -5.51 -14.57
N ARG A 132 -3.07 -5.86 -15.03
CA ARG A 132 -3.50 -5.58 -16.40
C ARG A 132 -3.44 -4.09 -16.76
N THR A 133 -3.01 -3.80 -17.99
CA THR A 133 -2.93 -2.42 -18.46
C THR A 133 -4.23 -1.90 -19.11
N HIS A 134 -5.21 -2.78 -19.29
CA HIS A 134 -6.62 -2.37 -19.52
C HIS A 134 -7.45 -3.55 -19.17
N GLU A 135 -8.75 -3.33 -18.94
CA GLU A 135 -9.64 -4.37 -18.44
C GLU A 135 -9.41 -5.71 -19.14
N LYS A 136 -9.48 -5.68 -20.46
CA LYS A 136 -9.33 -6.94 -21.22
C LYS A 136 -7.89 -7.37 -21.52
N GLY A 137 -6.92 -6.55 -21.14
CA GLY A 137 -5.56 -6.76 -21.56
C GLY A 137 -4.76 -7.82 -20.80
N ARG A 138 -3.47 -7.90 -21.13
CA ARG A 138 -2.57 -8.79 -20.41
C ARG A 138 -1.89 -7.99 -19.29
N GLN A 139 -1.23 -8.70 -18.39
CA GLN A 139 -0.56 -8.07 -17.30
C GLN A 139 0.64 -7.34 -17.83
N SER A 140 1.13 -6.40 -17.02
CA SER A 140 2.23 -5.60 -17.41
C SER A 140 3.51 -6.30 -17.02
N THR A 141 4.52 -6.24 -17.89
CA THR A 141 5.83 -6.78 -17.62
C THR A 141 6.65 -5.72 -16.92
N ARG A 142 6.18 -4.46 -16.93
CA ARG A 142 6.77 -3.32 -16.18
C ARG A 142 5.99 -2.96 -14.94
N LEU A 143 6.68 -2.76 -13.81
CA LEU A 143 6.04 -2.11 -12.65
C LEU A 143 5.50 -0.73 -12.96
N LYS A 144 4.18 -0.55 -12.78
CA LYS A 144 3.58 0.78 -12.94
C LYS A 144 3.08 1.38 -11.64
N MET A 145 2.91 2.70 -11.64
CA MET A 145 2.34 3.42 -10.52
C MET A 145 1.31 4.43 -11.08
N LEU A 146 0.38 4.87 -10.23
CA LEU A 146 -0.68 5.79 -10.64
C LEU A 146 -1.15 6.61 -9.47
N GLU A 147 -1.15 7.95 -9.61
CA GLU A 147 -1.82 8.81 -8.61
C GLU A 147 -3.34 8.67 -8.70
N VAL A 148 -4.01 8.38 -7.56
CA VAL A 148 -5.47 8.21 -7.56
C VAL A 148 -6.07 9.08 -6.49
N PRO A 149 -6.98 9.98 -6.89
CA PRO A 149 -7.73 10.77 -5.93
C PRO A 149 -8.45 9.90 -4.88
N TYR A 150 -8.47 10.31 -3.64
CA TYR A 150 -9.41 9.74 -2.69
C TYR A 150 -10.77 10.13 -3.18
N VAL A 151 -11.73 9.28 -2.96
CA VAL A 151 -13.08 9.53 -3.39
C VAL A 151 -14.00 9.63 -2.19
N ASP A 152 -14.81 10.67 -2.23
CA ASP A 152 -15.90 10.86 -1.28
C ASP A 152 -16.61 9.54 -1.10
N ARG A 153 -16.72 9.15 0.16
CA ARG A 153 -17.33 7.90 0.57
C ARG A 153 -18.82 7.74 0.13
N ASN A 154 -19.62 8.80 0.21
CA ASN A 154 -20.98 8.73 -0.37
C ASN A 154 -21.04 8.57 -1.90
N SER A 155 -20.23 9.31 -2.66
CA SER A 155 -20.17 9.11 -4.08
C SER A 155 -19.82 7.65 -4.31
N CYS A 156 -18.85 7.14 -3.56
CA CYS A 156 -18.41 5.78 -3.80
C CYS A 156 -19.56 4.84 -3.55
N LYS A 157 -20.33 5.07 -2.50
CA LYS A 157 -21.43 4.13 -2.25
C LYS A 157 -22.50 4.21 -3.34
N LEU A 158 -22.80 5.42 -3.79
CA LEU A 158 -23.74 5.60 -4.90
C LEU A 158 -23.21 5.07 -6.24
N SER A 159 -21.91 5.04 -6.43
CA SER A 159 -21.34 4.57 -7.66
C SER A 159 -21.45 3.07 -7.76
N SER A 160 -21.57 2.42 -6.62
CA SER A 160 -21.26 0.99 -6.53
C SER A 160 -22.47 0.04 -6.57
N SER A 161 -22.33 -1.05 -7.31
CA SER A 161 -23.32 -2.15 -7.34
C SER A 161 -23.28 -3.03 -6.11
N PHE A 162 -22.18 -2.97 -5.35
CA PHE A 162 -21.99 -3.89 -4.24
C PHE A 162 -21.72 -3.06 -3.01
N ILE A 163 -21.93 -3.67 -1.85
CA ILE A 163 -21.76 -2.98 -0.58
C ILE A 163 -20.32 -2.50 -0.34
N ILE A 164 -20.18 -1.25 0.06
CA ILE A 164 -18.90 -0.71 0.49
C ILE A 164 -18.90 -0.68 2.01
N THR A 165 -18.21 -1.63 2.63
CA THR A 165 -18.10 -1.67 4.07
C THR A 165 -17.18 -0.57 4.64
N GLN A 166 -17.25 -0.35 5.95
CA GLN A 166 -16.30 0.53 6.56
C GLN A 166 -14.86 0.00 6.56
N ASN A 167 -14.62 -1.22 6.12
CA ASN A 167 -13.23 -1.70 5.96
C ASN A 167 -12.71 -1.45 4.56
N MET A 168 -13.45 -0.61 3.83
CA MET A 168 -13.02 -0.29 2.46
C MET A 168 -13.05 1.24 2.26
N PHE A 169 -12.28 1.71 1.29
CA PHE A 169 -12.50 3.07 0.77
C PHE A 169 -12.29 3.05 -0.76
N CYS A 170 -12.57 4.16 -1.42
CA CYS A 170 -12.58 4.23 -2.85
C CYS A 170 -11.57 5.24 -3.29
N ALA A 171 -10.97 4.96 -4.44
CA ALA A 171 -10.04 5.90 -5.02
C ALA A 171 -10.02 5.71 -6.50
N GLY A 172 -9.65 6.78 -7.18
CA GLY A 172 -9.49 6.73 -8.64
C GLY A 172 -10.32 7.85 -9.25
N TYR A 173 -10.88 7.57 -10.43
CA TYR A 173 -11.46 8.62 -11.26
C TYR A 173 -12.83 8.18 -11.75
N ASP A 174 -13.76 9.11 -11.79
CA ASP A 174 -15.10 8.88 -12.35
C ASP A 174 -15.05 8.38 -13.81
N THR A 175 -14.50 9.19 -14.72
CA THR A 175 -14.45 8.80 -16.12
C THR A 175 -13.04 8.78 -16.68
N LYS A 176 -12.12 9.56 -16.15
CA LYS A 176 -10.76 9.43 -16.68
C LYS A 176 -10.30 7.95 -16.74
N GLN A 177 -9.60 7.54 -17.82
CA GLN A 177 -9.16 6.14 -18.01
C GLN A 177 -7.81 5.75 -17.28
N GLU A 178 -7.84 5.78 -15.95
CA GLU A 178 -6.67 5.42 -15.16
C GLU A 178 -7.27 4.76 -13.94
N ASP A 179 -6.74 3.60 -13.56
CA ASP A 179 -7.27 2.81 -12.42
C ASP A 179 -6.25 1.67 -12.16
N ALA A 180 -6.40 1.01 -11.04
CA ALA A 180 -5.73 -0.23 -10.85
C ALA A 180 -6.55 -1.20 -11.71
N CYS A 181 -6.15 -2.46 -11.74
CA CYS A 181 -6.80 -3.49 -12.53
C CYS A 181 -6.40 -4.89 -12.03
N GLN A 182 -7.00 -5.91 -12.63
CA GLN A 182 -6.79 -7.28 -12.18
C GLN A 182 -5.29 -7.54 -12.17
N GLY A 183 -4.79 -8.26 -11.16
CA GLY A 183 -3.34 -8.56 -11.08
C GLY A 183 -2.63 -7.55 -10.16
N ASP A 184 -3.18 -6.34 -10.03
CA ASP A 184 -2.64 -5.37 -9.03
C ASP A 184 -3.09 -5.67 -7.59
N SER A 185 -4.20 -6.39 -7.52
CA SER A 185 -4.83 -6.78 -6.27
C SER A 185 -3.82 -7.27 -5.30
N GLY A 186 -3.98 -6.88 -4.03
CA GLY A 186 -3.05 -7.21 -2.98
C GLY A 186 -1.91 -6.21 -2.86
N GLY A 187 -1.71 -5.39 -3.89
CA GLY A 187 -0.61 -4.45 -3.87
C GLY A 187 -0.77 -3.17 -3.08
N PRO A 188 0.24 -2.27 -3.12
CA PRO A 188 0.14 -1.09 -2.24
C PRO A 188 -0.70 0.09 -2.75
N HIS A 189 -1.27 0.80 -1.79
CA HIS A 189 -1.83 2.10 -1.98
C HIS A 189 -1.12 2.81 -0.81
N VAL A 190 -0.23 3.74 -1.16
CA VAL A 190 0.50 4.49 -0.15
C VAL A 190 0.13 5.96 -0.33
N THR A 191 0.34 6.76 0.72
CA THR A 191 0.06 8.16 0.64
C THR A 191 1.35 8.85 1.02
N ARG A 192 1.79 9.81 0.21
CA ARG A 192 3.00 10.53 0.55
C ARG A 192 2.68 11.71 1.51
N PHE A 193 3.58 11.93 2.44
CA PHE A 193 3.49 13.11 3.34
C PHE A 193 4.91 13.54 3.61
N LYS A 194 5.22 14.74 3.12
CA LYS A 194 6.61 15.29 3.20
C LYS A 194 7.64 14.28 2.77
N ASP A 195 7.53 13.78 1.54
CA ASP A 195 8.55 12.85 1.01
C ASP A 195 8.71 11.51 1.73
N THR A 196 7.77 11.14 2.62
CA THR A 196 7.74 9.82 3.25
C THR A 196 6.40 9.16 2.87
N TYR A 197 6.45 7.88 2.50
CA TYR A 197 5.30 7.18 1.96
C TYR A 197 4.77 6.22 3.03
N PHE A 198 3.47 6.36 3.34
CA PHE A 198 2.79 5.52 4.35
C PHE A 198 1.79 4.57 3.69
N VAL A 199 1.69 3.31 4.13
CA VAL A 199 0.67 2.47 3.51
C VAL A 199 -0.71 2.91 3.95
N THR A 200 -1.65 3.05 3.00
CA THR A 200 -2.98 3.52 3.34
C THR A 200 -4.06 2.53 2.82
N GLY A 201 -3.67 1.64 1.91
CA GLY A 201 -4.66 0.75 1.32
C GLY A 201 -4.00 -0.50 0.81
N ILE A 202 -4.83 -1.49 0.54
CA ILE A 202 -4.47 -2.67 -0.19
C ILE A 202 -5.43 -2.73 -1.39
N VAL A 203 -4.87 -2.86 -2.59
CA VAL A 203 -5.66 -3.08 -3.76
C VAL A 203 -6.66 -4.30 -3.55
N SER A 204 -7.98 -4.07 -3.64
CA SER A 204 -8.94 -5.12 -3.32
C SER A 204 -9.76 -5.59 -4.52
N TRP A 205 -10.63 -4.73 -5.04
CA TRP A 205 -11.44 -5.06 -6.23
C TRP A 205 -11.96 -3.80 -6.90
N GLY A 206 -12.41 -3.98 -8.14
CA GLY A 206 -13.18 -2.96 -8.84
C GLY A 206 -14.13 -3.70 -9.76
N GLU A 207 -15.20 -3.02 -10.17
CA GLU A 207 -16.09 -3.53 -11.26
C GLU A 207 -15.46 -3.30 -12.63
N GLY A 208 -14.69 -4.26 -13.12
CA GLY A 208 -13.78 -3.97 -14.23
C GLY A 208 -12.68 -2.94 -13.93
N CYS A 209 -12.12 -2.33 -14.96
CA CYS A 209 -11.06 -1.39 -14.71
C CYS A 209 -11.32 -0.09 -15.44
N ALA A 210 -11.32 1.00 -14.69
CA ALA A 210 -11.41 2.31 -15.27
C ALA A 210 -12.75 2.58 -15.96
N ARG A 211 -13.79 1.82 -15.61
CA ARG A 211 -15.15 2.11 -16.11
C ARG A 211 -15.67 3.42 -15.62
N LYS A 212 -16.46 4.05 -16.49
CA LYS A 212 -17.07 5.33 -16.20
C LYS A 212 -18.05 5.16 -15.07
N GLY A 213 -18.12 6.13 -14.16
CA GLY A 213 -18.94 5.99 -12.96
C GLY A 213 -18.53 4.92 -11.91
N LYS A 214 -17.36 4.28 -12.10
CA LYS A 214 -16.77 3.25 -11.20
C LYS A 214 -15.41 3.64 -10.59
N TYR A 215 -15.15 3.20 -9.35
CA TYR A 215 -13.88 3.53 -8.70
C TYR A 215 -13.13 2.25 -8.26
N GLY A 216 -11.86 2.44 -7.89
CA GLY A 216 -11.08 1.36 -7.24
C GLY A 216 -11.46 1.22 -5.80
N ILE A 217 -11.66 0.00 -5.39
CA ILE A 217 -11.96 -0.26 -4.02
C ILE A 217 -10.77 -0.95 -3.30
N TYR A 218 -10.35 -0.32 -2.19
CA TYR A 218 -9.12 -0.68 -1.46
C TYR A 218 -9.51 -1.11 -0.07
N THR A 219 -8.79 -2.07 0.51
CA THR A 219 -8.91 -2.31 1.95
C THR A 219 -8.44 -1.11 2.75
N LYS A 220 -9.17 -0.71 3.77
CA LYS A 220 -8.81 0.39 4.60
C LYS A 220 -7.81 -0.03 5.68
N VAL A 221 -6.54 0.19 5.39
CA VAL A 221 -5.48 -0.19 6.24
C VAL A 221 -5.60 0.38 7.66
N THR A 222 -6.10 1.61 7.79
CA THR A 222 -6.20 2.19 9.11
C THR A 222 -7.22 1.40 9.95
N ALA A 223 -8.14 0.62 9.37
CA ALA A 223 -9.05 -0.16 10.23
C ALA A 223 -8.32 -1.38 10.85
N PHE A 224 -7.12 -1.69 10.31
CA PHE A 224 -6.49 -2.94 10.64
C PHE A 224 -5.09 -2.79 11.28
N LEU A 225 -4.77 -1.59 11.75
CA LEU A 225 -3.44 -1.35 12.22
C LEU A 225 -3.08 -2.14 13.45
N LYS A 226 -4.02 -2.25 14.41
CA LYS A 226 -3.78 -3.15 15.58
C LYS A 226 -3.59 -4.58 15.13
N TRP A 227 -4.45 -5.02 14.22
CA TRP A 227 -4.41 -6.38 13.69
C TRP A 227 -3.09 -6.68 12.98
N ILE A 228 -2.65 -5.76 12.12
CA ILE A 228 -1.28 -5.92 11.51
C ILE A 228 -0.20 -5.96 12.60
N ASP A 229 -0.30 -5.08 13.58
CA ASP A 229 0.70 -5.07 14.65
C ASP A 229 0.83 -6.44 15.30
N ARG A 230 -0.33 -6.97 15.73
CA ARG A 230 -0.43 -8.30 16.29
C ARG A 230 0.12 -9.38 15.39
N SER A 231 -0.33 -9.43 14.15
CA SER A 231 0.18 -10.38 13.19
C SER A 231 1.70 -10.35 13.06
N MET A 232 2.32 -9.19 13.27
CA MET A 232 3.75 -9.09 13.05
C MET A 232 4.42 -9.41 14.40
N LYS A 233 3.60 -9.61 15.42
CA LYS A 233 4.02 -9.85 16.82
C LYS A 233 4.73 -8.68 17.47
N THR B 1 -11.60 27.30 13.14
CA THR B 1 -10.21 27.81 12.90
C THR B 1 -9.11 26.83 13.28
N ARG B 2 -8.24 26.55 12.30
CA ARG B 2 -7.31 25.43 12.41
C ARG B 2 -6.22 25.79 13.39
N LYS B 3 -6.09 24.98 14.43
CA LYS B 3 -5.12 25.11 15.47
C LYS B 3 -4.30 23.83 15.53
N LEU B 4 -3.21 23.87 16.30
CA LEU B 4 -2.45 22.66 16.66
C LEU B 4 -2.17 21.75 15.45
N CYS B 5 -2.52 20.47 15.58
CA CYS B 5 -2.24 19.48 14.52
C CYS B 5 -3.03 19.79 13.26
N SER B 6 -4.04 20.66 13.35
CA SER B 6 -4.77 21.02 12.14
C SER B 6 -4.13 22.18 11.46
N LEU B 7 -3.26 22.91 12.14
CA LEU B 7 -2.46 23.95 11.45
C LEU B 7 -1.12 23.33 10.93
N ASP B 8 -1.05 23.01 9.64
CA ASP B 8 0.14 22.44 9.03
C ASP B 8 0.75 21.24 9.80
N ASN B 9 -0.09 20.31 10.25
CA ASN B 9 0.40 19.12 10.96
C ASN B 9 1.16 19.49 12.22
N GLY B 10 0.92 20.69 12.77
CA GLY B 10 1.64 21.08 14.00
C GLY B 10 3.14 21.33 13.83
N ASP B 11 3.61 21.42 12.56
CA ASP B 11 5.06 21.57 12.26
C ASP B 11 5.80 20.21 12.38
N CYS B 12 5.05 19.11 12.64
CA CYS B 12 5.68 17.80 12.78
C CYS B 12 6.10 17.20 11.38
N ASP B 13 7.17 16.41 11.30
CA ASP B 13 7.49 15.76 10.02
C ASP B 13 6.50 14.63 9.71
N GLN B 14 6.03 13.95 10.77
CA GLN B 14 5.20 12.80 10.64
C GLN B 14 3.96 12.88 11.59
N PHE B 15 3.86 11.99 12.57
CA PHE B 15 2.65 11.91 13.40
C PHE B 15 2.50 13.13 14.28
N CYS B 16 1.30 13.68 14.30
CA CYS B 16 0.95 14.79 15.19
C CYS B 16 -0.24 14.33 16.08
N HIS B 17 -0.10 14.49 17.38
CA HIS B 17 -1.15 14.26 18.36
C HIS B 17 -1.30 15.50 19.29
N GLU B 18 -2.54 15.83 19.67
CA GLU B 18 -2.81 16.99 20.49
C GLU B 18 -3.02 16.50 21.88
N GLU B 19 -2.23 17.02 22.81
CA GLU B 19 -2.31 16.67 24.22
C GLU B 19 -2.48 17.96 24.96
N GLN B 20 -3.46 17.94 25.88
CA GLN B 20 -3.83 19.16 26.60
C GLN B 20 -4.08 20.11 25.47
N ASN B 21 -3.56 21.32 25.55
CA ASN B 21 -3.69 22.14 24.37
C ASN B 21 -2.39 22.33 23.63
N SER B 22 -1.64 21.23 23.47
CA SER B 22 -0.37 21.33 22.77
C SER B 22 -0.07 20.17 21.82
N VAL B 23 0.80 20.47 20.85
CA VAL B 23 1.11 19.58 19.77
C VAL B 23 2.13 18.65 20.29
N VAL B 24 2.00 17.34 20.02
CA VAL B 24 3.11 16.43 20.37
C VAL B 24 3.45 15.64 19.09
N CYS B 25 4.71 15.70 18.63
CA CYS B 25 5.09 15.01 17.39
C CYS B 25 5.67 13.65 17.68
N SER B 26 5.51 12.71 16.75
CA SER B 26 6.29 11.44 16.86
C SER B 26 6.54 10.88 15.44
N CYS B 27 7.07 9.68 15.35
CA CYS B 27 7.68 9.21 14.12
C CYS B 27 7.44 7.72 13.98
N ALA B 28 7.35 7.24 12.73
CA ALA B 28 7.32 5.81 12.45
C ALA B 28 8.51 5.03 13.05
N ARG B 29 8.34 3.71 13.18
CA ARG B 29 9.45 2.85 13.65
C ARG B 29 10.59 2.97 12.68
N GLY B 30 11.78 3.09 13.22
CA GLY B 30 12.96 3.27 12.43
C GLY B 30 13.36 4.71 12.29
N TYR B 31 12.61 5.63 12.93
CA TYR B 31 13.01 7.01 12.93
C TYR B 31 13.12 7.43 14.38
N THR B 32 13.98 8.42 14.59
CA THR B 32 14.09 9.02 15.89
C THR B 32 13.63 10.49 15.81
N LEU B 33 12.86 10.93 16.80
CA LEU B 33 12.49 12.33 16.92
C LEU B 33 13.72 13.24 17.19
N ALA B 34 13.86 14.32 16.44
CA ALA B 34 15.03 15.12 16.60
C ALA B 34 14.89 15.96 17.91
N ASP B 35 15.99 16.59 18.30
CA ASP B 35 16.11 17.46 19.47
C ASP B 35 15.13 18.59 19.48
N ASN B 36 14.70 19.05 18.30
CA ASN B 36 13.67 20.07 18.24
C ASN B 36 12.28 19.50 18.51
N GLY B 37 12.19 18.20 18.74
CA GLY B 37 10.88 17.56 19.01
C GLY B 37 9.86 17.56 17.87
N LYS B 38 10.31 17.79 16.63
CA LYS B 38 9.40 17.90 15.45
C LYS B 38 9.90 17.03 14.31
N ALA B 39 11.19 17.15 13.95
CA ALA B 39 11.70 16.39 12.81
C ALA B 39 11.92 14.95 13.22
N CYS B 40 11.88 14.09 12.22
CA CYS B 40 12.13 12.67 12.34
C CYS B 40 13.46 12.32 11.57
N ILE B 41 14.37 11.67 12.24
CA ILE B 41 15.65 11.29 11.62
C ILE B 41 15.74 9.74 11.50
N PRO B 42 16.14 9.24 10.34
CA PRO B 42 16.24 7.77 10.24
C PRO B 42 17.36 7.22 11.15
N THR B 43 17.12 6.11 11.85
CA THR B 43 18.14 5.57 12.73
C THR B 43 19.08 4.59 11.97
N GLY B 44 18.73 4.24 10.75
CA GLY B 44 19.58 3.31 10.03
C GLY B 44 19.37 3.39 8.55
N PRO B 45 19.96 2.43 7.82
CA PRO B 45 19.85 2.29 6.37
C PRO B 45 18.44 1.76 5.96
N TYR B 46 17.96 2.22 4.80
CA TYR B 46 16.66 1.87 4.22
C TYR B 46 15.55 2.12 5.19
N PRO B 47 15.40 3.37 5.62
CA PRO B 47 14.25 3.62 6.54
C PRO B 47 12.90 3.47 5.76
N CYS B 48 11.81 3.16 6.48
CA CYS B 48 10.56 2.98 5.83
C CYS B 48 10.11 4.25 5.12
N GLY B 49 9.39 4.09 4.03
CA GLY B 49 8.71 5.24 3.44
C GLY B 49 9.60 6.09 2.56
N LYS B 50 10.89 5.75 2.44
CA LYS B 50 11.80 6.52 1.54
C LYS B 50 12.09 5.79 0.23
N GLN B 51 11.86 6.45 -0.87
CA GLN B 51 12.23 5.88 -2.18
C GLN B 51 13.75 5.65 -2.15
N THR B 52 14.25 4.60 -2.81
CA THR B 52 15.68 4.32 -2.68
C THR B 52 16.52 5.15 -3.69
N LEU B 53 17.60 5.77 -3.22
CA LEU B 53 18.46 6.60 -4.09
C LEU B 53 19.78 5.89 -4.36
N GLU B 54 20.05 4.81 -3.60
CA GLU B 54 21.11 3.83 -3.90
C GLU B 54 20.98 2.52 -3.06
CA CA C . -13.94 5.26 -13.32
CA CA D . 13.46 -8.17 -13.66
O34 DT8 E . -13.03 -12.51 -13.79
C21 DT8 E . -13.79 -12.15 -12.89
N35 DT8 E . -15.00 -12.78 -12.67
C37 DT8 E . -15.96 -12.35 -11.61
C36 DT8 E . -15.38 -13.92 -13.55
C17 DT8 E . -13.28 -10.93 -12.05
C18 DT8 E . -11.77 -11.14 -11.72
C19 DT8 E . -11.11 -9.88 -11.13
C13 DT8 E . -11.43 -8.57 -11.89
N12 DT8 E . -10.81 -7.53 -11.06
C11 DT8 E . -10.46 -6.42 -11.62
O14 DT8 E . -10.57 -6.29 -12.84
C8 DT8 E . -10.04 -5.29 -10.68
N7 DT8 E . -10.25 -3.95 -11.16
C5 DT8 E . -9.86 -3.15 -10.12
C4 DT8 E . -9.83 -1.76 -10.13
C3 DT8 E . -9.36 -1.13 -8.99
C2 DT8 E . -8.93 -1.90 -7.89
CL1 DT8 E . -8.41 -0.99 -6.47
C9 DT8 E . -9.55 -5.39 -9.41
C6 DT8 E . -9.38 -3.95 -9.05
C1 DT8 E . -8.92 -3.30 -7.88
C16 DT8 E . -13.59 -9.58 -12.78
C15 DT8 E . -12.97 -8.39 -12.01
N20 DT8 E . -13.58 -8.19 -10.69
C22 DT8 E . -14.81 -7.78 -10.49
O32 DT8 E . -15.50 -7.29 -11.36
C23 DT8 E . -15.33 -7.88 -9.10
S27 DT8 E . -16.79 -7.09 -8.80
C26 DT8 E . -16.67 -7.59 -7.17
C28 DT8 E . -17.72 -7.26 -6.11
N29 DT8 E . -17.51 -8.09 -4.87
C33 DT8 E . -18.36 -7.77 -3.68
C30 DT8 E . -16.05 -8.27 -4.49
C31 DT8 E . -15.16 -8.86 -5.59
C25 DT8 E . -15.50 -8.30 -6.96
N24 DT8 E . -14.71 -8.47 -8.05
#